data_1WM1
#
_entry.id   1WM1
#
_cell.length_a   65.445
_cell.length_b   65.445
_cell.length_c   169.071
_cell.angle_alpha   90.00
_cell.angle_beta   90.00
_cell.angle_gamma   90.00
#
_symmetry.space_group_name_H-M   'P 43 21 2'
#
loop_
_entity.id
_entity.type
_entity.pdbx_description
1 polymer 'Proline iminopeptidase'
2 non-polymer (5-TERT-BUTYL-1,3,4-OXADIAZOL-2-YL)[(2R)-PYRROLIDIN-2-YL]METHANONE
3 water water
#
_entity_poly.entity_id   1
_entity_poly.type   'polypeptide(L)'
_entity_poly.pdbx_seq_one_letter_code
;MEQLRGLYPPLAAYDSGWLDTGDGHRIYWELSGNPNGKPAVFIHGGPGGGISPHHRQLFDPERYKVLLFDQRGCGRSRPH
ASLDNNTTWHLVADIERLREMAGVEQWLVFGGSWGSTLALAYAQTHPERVSEMVLRGIFTLRKQRLHWYYQDGASRFFPE
KWERVLSILSDDERKDVIAAYRQRLTSADPQVQLEAAKLWSVWEGETVTLLPSRESASFGEDDFALAFARIENHYFTHLG
FLESDDQLLRNVPLIRHIPAVIVHGRYDMACQVQNAWDLAKAWPEAELHIVEGAGHSYDEPGILHQLMIATDRFAGK
;
_entity_poly.pdbx_strand_id   A
#
loop_
_chem_comp.id
_chem_comp.type
_chem_comp.name
_chem_comp.formula
PTB non-polymer (5-TERT-BUTYL-1,3,4-OXADIAZOL-2-YL)[(2R)-PYRROLIDIN-2-YL]METHANONE 'C11 H17 N3 O2'
#
# COMPACT_ATOMS: atom_id res chain seq x y z
N LEU A 4 22.75 0.40 -11.50
CA LEU A 4 21.52 0.40 -10.65
C LEU A 4 21.24 -0.97 -10.04
N ARG A 5 20.91 -0.99 -8.76
CA ARG A 5 20.60 -2.22 -8.04
C ARG A 5 19.22 -2.74 -8.45
N GLY A 6 19.08 -4.07 -8.48
CA GLY A 6 17.83 -4.71 -8.83
C GLY A 6 17.40 -5.69 -7.75
N LEU A 7 16.37 -6.47 -8.03
CA LEU A 7 15.86 -7.45 -7.08
C LEU A 7 16.82 -8.64 -6.94
N TYR A 8 16.77 -9.30 -5.79
CA TYR A 8 17.60 -10.48 -5.60
C TYR A 8 16.94 -11.58 -6.41
N PRO A 9 17.61 -12.72 -6.60
CA PRO A 9 16.98 -13.78 -7.38
C PRO A 9 15.69 -14.36 -6.78
N PRO A 10 14.81 -14.90 -7.62
CA PRO A 10 13.54 -15.47 -7.16
C PRO A 10 13.80 -16.56 -6.12
N LEU A 11 12.85 -16.75 -5.21
CA LEU A 11 12.97 -17.77 -4.18
C LEU A 11 11.61 -18.01 -3.57
N ALA A 12 11.37 -19.24 -3.15
CA ALA A 12 10.09 -19.60 -2.54
C ALA A 12 10.14 -19.30 -1.06
N ALA A 13 8.97 -19.14 -0.44
CA ALA A 13 8.89 -18.91 0.99
C ALA A 13 9.26 -20.23 1.65
N TYR A 14 9.84 -20.17 2.85
CA TYR A 14 10.20 -21.41 3.52
C TYR A 14 9.08 -21.90 4.43
N ASP A 15 8.04 -21.08 4.59
CA ASP A 15 6.88 -21.43 5.40
C ASP A 15 5.75 -20.45 5.12
N SER A 16 4.53 -20.90 5.35
CA SER A 16 3.35 -20.06 5.13
C SER A 16 2.09 -20.68 5.74
N GLY A 17 1.00 -19.93 5.74
CA GLY A 17 -0.23 -20.44 6.29
C GLY A 17 -1.31 -19.39 6.40
N TRP A 18 -2.40 -19.75 7.07
CA TRP A 18 -3.50 -18.84 7.27
C TRP A 18 -3.72 -18.65 8.76
N LEU A 19 -3.89 -17.40 9.19
CA LEU A 19 -4.11 -17.12 10.61
C LEU A 19 -5.55 -16.67 10.82
N ASP A 20 -6.24 -17.31 11.77
CA ASP A 20 -7.62 -16.93 12.04
C ASP A 20 -7.59 -15.75 13.00
N THR A 21 -8.32 -14.70 12.65
CA THR A 21 -8.34 -13.48 13.48
C THR A 21 -9.45 -13.52 14.55
N GLY A 22 -10.38 -14.45 14.41
CA GLY A 22 -11.45 -14.58 15.37
C GLY A 22 -12.70 -13.79 15.04
N ASP A 23 -12.62 -12.90 14.06
CA ASP A 23 -13.79 -12.11 13.68
C ASP A 23 -14.24 -12.38 12.25
N GLY A 24 -13.93 -13.58 11.76
CA GLY A 24 -14.34 -13.96 10.41
C GLY A 24 -13.30 -13.81 9.32
N HIS A 25 -12.04 -13.69 9.71
CA HIS A 25 -10.97 -13.54 8.73
C HIS A 25 -9.84 -14.53 8.93
N ARG A 26 -9.34 -15.08 7.83
CA ARG A 26 -8.22 -16.01 7.85
C ARG A 26 -7.25 -15.36 6.88
N ILE A 27 -6.21 -14.76 7.44
CA ILE A 27 -5.25 -14.04 6.62
C ILE A 27 -4.03 -14.88 6.23
N TYR A 28 -3.71 -14.83 4.95
CA TYR A 28 -2.58 -15.56 4.40
C TYR A 28 -1.28 -14.85 4.72
N TRP A 29 -0.27 -15.62 5.12
CA TRP A 29 1.04 -15.08 5.44
C TRP A 29 2.12 -16.03 4.96
N GLU A 30 3.35 -15.54 4.90
CA GLU A 30 4.46 -16.39 4.49
C GLU A 30 5.77 -15.81 5.00
N LEU A 31 6.72 -16.70 5.25
CA LEU A 31 8.03 -16.32 5.74
C LEU A 31 9.06 -16.67 4.67
N SER A 32 9.93 -15.71 4.37
CA SER A 32 10.95 -15.86 3.34
C SER A 32 12.31 -15.38 3.85
N GLY A 33 13.38 -15.88 3.24
CA GLY A 33 14.71 -15.47 3.65
C GLY A 33 15.43 -16.40 4.60
N ASN A 34 15.91 -15.86 5.72
CA ASN A 34 16.65 -16.62 6.72
C ASN A 34 15.87 -16.69 8.04
N PRO A 35 15.42 -17.89 8.43
CA PRO A 35 14.67 -18.04 9.68
C PRO A 35 15.40 -17.47 10.89
N ASN A 36 16.71 -17.27 10.74
CA ASN A 36 17.52 -16.72 11.81
C ASN A 36 17.96 -15.30 11.47
N GLY A 37 17.62 -14.85 10.27
CA GLY A 37 18.00 -13.52 9.82
C GLY A 37 17.32 -12.37 10.53
N LYS A 38 17.59 -11.15 10.06
CA LYS A 38 17.03 -9.93 10.63
C LYS A 38 15.54 -9.89 10.31
N PRO A 39 14.67 -9.73 11.33
CA PRO A 39 13.22 -9.68 11.15
C PRO A 39 12.70 -8.42 10.48
N ALA A 40 11.79 -8.62 9.54
CA ALA A 40 11.17 -7.54 8.78
C ALA A 40 9.76 -7.94 8.34
N VAL A 41 8.89 -6.97 8.20
CA VAL A 41 7.53 -7.22 7.74
C VAL A 41 7.24 -6.35 6.52
N PHE A 42 6.66 -6.95 5.48
CA PHE A 42 6.31 -6.25 4.25
C PHE A 42 4.83 -5.90 4.25
N ILE A 43 4.52 -4.63 4.02
CA ILE A 43 3.14 -4.18 3.98
C ILE A 43 2.78 -3.74 2.56
N HIS A 44 1.89 -4.49 1.92
CA HIS A 44 1.51 -4.18 0.56
C HIS A 44 0.61 -2.94 0.48
N GLY A 45 0.43 -2.43 -0.74
CA GLY A 45 -0.38 -1.24 -0.93
C GLY A 45 -1.83 -1.50 -1.30
N GLY A 46 -2.48 -0.46 -1.80
CA GLY A 46 -3.88 -0.56 -2.17
C GLY A 46 -4.67 0.52 -1.48
N PRO A 47 -5.40 0.20 -0.39
CA PRO A 47 -5.48 -1.14 0.20
C PRO A 47 -6.13 -2.16 -0.73
N GLY A 48 -5.95 -3.45 -0.40
CA GLY A 48 -6.53 -4.51 -1.21
C GLY A 48 -5.67 -4.98 -2.38
N GLY A 49 -4.39 -4.59 -2.37
CA GLY A 49 -3.49 -4.96 -3.44
C GLY A 49 -2.90 -6.36 -3.43
N GLY A 50 -2.63 -6.89 -2.25
CA GLY A 50 -2.06 -8.23 -2.15
C GLY A 50 -0.55 -8.29 -2.37
N ILE A 51 0.07 -9.36 -1.90
CA ILE A 51 1.51 -9.53 -2.07
C ILE A 51 1.81 -10.27 -3.37
N SER A 52 3.03 -10.11 -3.84
CA SER A 52 3.51 -10.74 -5.06
C SER A 52 4.76 -11.54 -4.71
N PRO A 53 5.02 -12.64 -5.42
CA PRO A 53 6.23 -13.40 -5.08
C PRO A 53 7.48 -12.54 -5.22
N HIS A 54 7.43 -11.51 -6.05
CA HIS A 54 8.56 -10.61 -6.25
C HIS A 54 8.88 -9.77 -5.03
N HIS A 55 7.89 -9.56 -4.17
CA HIS A 55 8.14 -8.78 -2.98
C HIS A 55 9.15 -9.50 -2.09
N ARG A 56 9.34 -10.79 -2.32
CA ARG A 56 10.31 -11.55 -1.52
C ARG A 56 11.73 -11.17 -1.88
N GLN A 57 11.94 -10.85 -3.15
CA GLN A 57 13.26 -10.49 -3.67
C GLN A 57 13.73 -9.07 -3.35
N LEU A 58 13.03 -8.40 -2.44
CA LEU A 58 13.39 -7.03 -2.04
C LEU A 58 14.31 -7.03 -0.83
N PHE A 59 14.51 -8.21 -0.24
CA PHE A 59 15.36 -8.32 0.93
C PHE A 59 16.43 -9.39 0.74
N ASP A 60 17.66 -9.06 1.15
CA ASP A 60 18.76 -9.99 1.02
C ASP A 60 18.34 -11.32 1.60
N PRO A 61 18.34 -12.39 0.77
CA PRO A 61 17.93 -13.72 1.19
C PRO A 61 18.74 -14.28 2.35
N GLU A 62 20.00 -13.88 2.42
CA GLU A 62 20.91 -14.36 3.45
C GLU A 62 20.84 -13.60 4.78
N ARG A 63 20.39 -12.35 4.75
CA ARG A 63 20.35 -11.57 5.98
C ARG A 63 19.00 -11.21 6.57
N TYR A 64 17.93 -11.41 5.81
CA TYR A 64 16.60 -11.06 6.29
C TYR A 64 15.62 -12.22 6.49
N LYS A 65 14.79 -12.09 7.52
CA LYS A 65 13.74 -13.03 7.84
C LYS A 65 12.50 -12.19 7.54
N VAL A 66 11.92 -12.37 6.35
CA VAL A 66 10.77 -11.57 5.96
C VAL A 66 9.40 -12.22 6.10
N LEU A 67 8.49 -11.47 6.73
CA LEU A 67 7.11 -11.91 6.91
C LEU A 67 6.28 -11.09 5.93
N LEU A 68 5.58 -11.76 5.02
CA LEU A 68 4.72 -11.07 4.07
C LEU A 68 3.31 -11.60 4.27
N PHE A 69 2.31 -10.75 4.11
CA PHE A 69 0.94 -11.21 4.29
C PHE A 69 -0.05 -10.40 3.47
N ASP A 70 -1.18 -11.04 3.15
CA ASP A 70 -2.25 -10.40 2.40
C ASP A 70 -3.20 -9.82 3.44
N GLN A 71 -3.44 -8.51 3.37
CA GLN A 71 -4.35 -7.88 4.31
C GLN A 71 -5.77 -8.38 4.09
N ARG A 72 -6.61 -8.23 5.11
CA ARG A 72 -8.00 -8.70 5.06
C ARG A 72 -8.75 -8.49 3.74
N GLY A 73 -9.35 -9.57 3.27
CA GLY A 73 -10.15 -9.52 2.05
C GLY A 73 -9.47 -9.54 0.68
N CYS A 74 -8.15 -9.56 0.62
CA CYS A 74 -7.49 -9.59 -0.70
C CYS A 74 -6.44 -10.68 -0.80
N GLY A 75 -5.97 -10.91 -2.03
CA GLY A 75 -4.96 -11.94 -2.25
C GLY A 75 -5.50 -13.31 -1.86
N ARG A 76 -4.77 -14.00 -0.99
CA ARG A 76 -5.20 -15.32 -0.56
C ARG A 76 -5.91 -15.32 0.78
N SER A 77 -6.12 -14.13 1.36
CA SER A 77 -6.83 -14.02 2.63
C SER A 77 -8.34 -14.16 2.39
N ARG A 78 -9.00 -14.92 3.26
CA ARG A 78 -10.43 -15.18 3.13
C ARG A 78 -11.21 -14.49 4.25
N PRO A 79 -12.46 -14.06 3.97
CA PRO A 79 -13.23 -14.15 2.73
C PRO A 79 -12.80 -13.09 1.70
N HIS A 80 -12.72 -13.49 0.43
CA HIS A 80 -12.32 -12.58 -0.63
C HIS A 80 -13.28 -11.39 -0.83
N ALA A 81 -12.71 -10.20 -0.95
CA ALA A 81 -13.46 -8.97 -1.17
C ALA A 81 -14.41 -8.60 -0.04
N SER A 82 -14.14 -9.11 1.15
CA SER A 82 -14.97 -8.82 2.30
C SER A 82 -14.70 -7.46 2.92
N LEU A 83 -15.77 -6.74 3.22
CA LEU A 83 -15.65 -5.43 3.83
C LEU A 83 -16.09 -5.45 5.29
N ASP A 84 -16.41 -6.62 5.82
CA ASP A 84 -16.83 -6.74 7.23
C ASP A 84 -15.56 -6.70 8.07
N ASN A 85 -15.59 -5.93 9.15
CA ASN A 85 -14.44 -5.81 10.04
C ASN A 85 -13.14 -5.58 9.27
N ASN A 86 -13.21 -4.69 8.30
CA ASN A 86 -12.06 -4.39 7.48
C ASN A 86 -11.71 -2.90 7.63
N THR A 87 -10.94 -2.57 8.66
CA THR A 87 -10.54 -1.19 8.88
C THR A 87 -9.07 -1.12 9.24
N THR A 88 -8.53 0.10 9.19
CA THR A 88 -7.12 0.34 9.48
C THR A 88 -6.68 -0.24 10.81
N TRP A 89 -7.51 -0.05 11.82
CA TRP A 89 -7.18 -0.52 13.15
C TRP A 89 -7.22 -2.03 13.31
N HIS A 90 -8.01 -2.71 12.50
CA HIS A 90 -8.04 -4.17 12.58
C HIS A 90 -6.74 -4.66 11.97
N LEU A 91 -6.32 -4.02 10.88
CA LEU A 91 -5.08 -4.40 10.19
C LEU A 91 -3.87 -4.18 11.12
N VAL A 92 -3.90 -3.11 11.89
CA VAL A 92 -2.83 -2.83 12.83
C VAL A 92 -2.75 -3.99 13.83
N ALA A 93 -3.92 -4.45 14.26
CA ALA A 93 -4.00 -5.56 15.22
C ALA A 93 -3.47 -6.84 14.56
N ASP A 94 -3.83 -7.03 13.28
CA ASP A 94 -3.39 -8.19 12.53
C ASP A 94 -1.86 -8.26 12.48
N ILE A 95 -1.21 -7.12 12.31
CA ILE A 95 0.25 -7.08 12.25
C ILE A 95 0.88 -7.53 13.56
N GLU A 96 0.26 -7.14 14.68
CA GLU A 96 0.76 -7.56 15.98
C GLU A 96 0.55 -9.06 16.14
N ARG A 97 -0.60 -9.56 15.69
CA ARG A 97 -0.90 -10.99 15.77
C ARG A 97 0.18 -11.79 15.04
N LEU A 98 0.47 -11.38 13.82
CA LEU A 98 1.47 -12.04 12.99
C LEU A 98 2.86 -11.95 13.61
N ARG A 99 3.13 -10.85 14.30
CA ARG A 99 4.44 -10.65 14.93
C ARG A 99 4.64 -11.64 16.06
N GLU A 100 3.61 -11.84 16.89
CA GLU A 100 3.71 -12.77 18.00
C GLU A 100 3.85 -14.19 17.46
N MET A 101 3.11 -14.47 16.39
CA MET A 101 3.17 -15.79 15.76
C MET A 101 4.61 -16.13 15.39
N ALA A 102 5.23 -15.27 14.58
CA ALA A 102 6.61 -15.50 14.15
C ALA A 102 7.61 -15.33 15.27
N GLY A 103 7.13 -15.01 16.46
CA GLY A 103 8.00 -14.84 17.60
C GLY A 103 9.00 -13.71 17.45
N VAL A 104 8.55 -12.59 16.89
CA VAL A 104 9.42 -11.44 16.69
C VAL A 104 9.17 -10.41 17.80
N GLU A 105 10.25 -9.84 18.32
CA GLU A 105 10.13 -8.86 19.38
C GLU A 105 10.14 -7.45 18.79
N GLN A 106 10.89 -7.29 17.70
CA GLN A 106 11.02 -6.00 17.03
C GLN A 106 11.45 -6.25 15.59
N TRP A 107 10.86 -5.51 14.65
CA TRP A 107 11.22 -5.68 13.24
C TRP A 107 11.17 -4.43 12.37
N LEU A 108 11.86 -4.52 11.24
CA LEU A 108 11.93 -3.45 10.26
C LEU A 108 10.65 -3.45 9.46
N VAL A 109 9.98 -2.30 9.39
CA VAL A 109 8.73 -2.19 8.64
C VAL A 109 8.97 -1.59 7.25
N PHE A 110 8.69 -2.39 6.22
CA PHE A 110 8.85 -1.97 4.83
C PHE A 110 7.47 -1.78 4.21
N GLY A 111 7.11 -0.55 3.86
CA GLY A 111 5.82 -0.32 3.26
C GLY A 111 5.81 0.82 2.28
N GLY A 112 5.13 0.63 1.16
CA GLY A 112 5.04 1.68 0.17
C GLY A 112 3.60 1.97 -0.21
N SER A 113 3.33 3.23 -0.56
CA SER A 113 1.98 3.60 -0.98
C SER A 113 1.02 3.43 0.21
N TRP A 114 -0.11 2.72 0.03
CA TRP A 114 -0.99 2.54 1.18
C TRP A 114 -0.19 1.80 2.26
N GLY A 115 0.79 1.01 1.83
CA GLY A 115 1.64 0.31 2.79
C GLY A 115 2.42 1.28 3.66
N SER A 116 2.67 2.49 3.16
CA SER A 116 3.38 3.48 3.95
C SER A 116 2.38 4.08 4.93
N THR A 117 1.12 4.13 4.51
CA THR A 117 0.04 4.66 5.37
C THR A 117 -0.14 3.75 6.59
N LEU A 118 -0.23 2.45 6.33
CA LEU A 118 -0.42 1.47 7.40
C LEU A 118 0.83 1.35 8.25
N ALA A 119 1.99 1.51 7.60
CA ALA A 119 3.27 1.45 8.29
C ALA A 119 3.35 2.56 9.33
N LEU A 120 2.89 3.75 8.95
CA LEU A 120 2.90 4.88 9.85
C LEU A 120 1.90 4.65 10.99
N ALA A 121 0.70 4.20 10.63
CA ALA A 121 -0.33 3.95 11.63
C ALA A 121 0.16 2.92 12.64
N TYR A 122 0.75 1.84 12.13
CA TYR A 122 1.26 0.79 12.98
C TYR A 122 2.37 1.32 13.89
N ALA A 123 3.42 1.87 13.27
CA ALA A 123 4.55 2.41 14.01
C ALA A 123 4.16 3.41 15.09
N GLN A 124 3.16 4.25 14.82
CA GLN A 124 2.72 5.23 15.80
C GLN A 124 1.86 4.62 16.89
N THR A 125 1.46 3.36 16.70
CA THR A 125 0.65 2.67 17.68
C THR A 125 1.52 1.73 18.52
N HIS A 126 2.52 1.14 17.88
CA HIS A 126 3.42 0.22 18.56
C HIS A 126 4.86 0.61 18.24
N PRO A 127 5.28 1.81 18.67
CA PRO A 127 6.64 2.32 18.43
C PRO A 127 7.71 1.31 18.85
N GLU A 128 7.49 0.69 20.00
CA GLU A 128 8.44 -0.27 20.57
C GLU A 128 8.74 -1.48 19.68
N ARG A 129 7.82 -1.82 18.79
CA ARG A 129 8.00 -2.98 17.90
C ARG A 129 8.67 -2.70 16.56
N VAL A 130 8.95 -1.43 16.29
CA VAL A 130 9.57 -1.04 15.02
C VAL A 130 11.04 -0.64 15.18
N SER A 131 11.93 -1.35 14.50
CA SER A 131 13.35 -1.05 14.58
C SER A 131 13.75 0.04 13.58
N GLU A 132 13.32 -0.12 12.32
CA GLU A 132 13.60 0.86 11.26
C GLU A 132 12.48 0.84 10.23
N MET A 133 12.35 1.92 9.46
CA MET A 133 11.31 2.01 8.46
C MET A 133 11.84 2.41 7.09
N VAL A 134 11.34 1.73 6.06
CA VAL A 134 11.69 2.03 4.68
C VAL A 134 10.34 2.32 4.04
N LEU A 135 10.11 3.59 3.70
CA LEU A 135 8.86 4.04 3.12
C LEU A 135 9.00 4.52 1.68
N ARG A 136 7.97 4.29 0.87
CA ARG A 136 8.00 4.70 -0.53
C ARG A 136 6.62 5.23 -0.96
N GLY A 137 6.61 6.25 -1.82
CA GLY A 137 5.35 6.79 -2.32
C GLY A 137 4.40 7.11 -1.19
N ILE A 138 4.82 8.03 -0.33
CA ILE A 138 4.07 8.44 0.83
C ILE A 138 2.61 8.85 0.57
N PHE A 139 1.73 8.24 1.35
CA PHE A 139 0.28 8.46 1.29
C PHE A 139 -0.19 8.57 2.74
N THR A 140 -0.73 9.72 3.14
CA THR A 140 -1.19 9.88 4.53
C THR A 140 -2.71 9.99 4.66
N LEU A 141 -3.41 9.82 3.54
CA LEU A 141 -4.86 9.82 3.51
C LEU A 141 -5.60 11.15 3.77
N ARG A 142 -4.93 12.28 3.61
CA ARG A 142 -5.59 13.57 3.79
C ARG A 142 -6.62 13.77 2.68
N LYS A 143 -7.66 14.55 2.95
CA LYS A 143 -8.70 14.84 1.95
C LYS A 143 -8.08 15.32 0.65
N GLN A 144 -7.07 16.17 0.75
CA GLN A 144 -6.40 16.72 -0.43
C GLN A 144 -5.78 15.64 -1.32
N ARG A 145 -5.37 14.53 -0.70
CA ARG A 145 -4.75 13.42 -1.43
C ARG A 145 -5.78 12.64 -2.21
N LEU A 146 -6.92 12.39 -1.56
CA LEU A 146 -7.99 11.65 -2.20
C LEU A 146 -8.58 12.48 -3.31
N HIS A 147 -8.70 13.77 -3.06
CA HIS A 147 -9.25 14.68 -4.07
C HIS A 147 -8.34 14.70 -5.30
N TRP A 148 -7.04 14.71 -5.06
CA TRP A 148 -6.08 14.75 -6.14
C TRP A 148 -6.19 13.58 -7.10
N TYR A 149 -6.26 12.37 -6.55
CA TYR A 149 -6.30 11.19 -7.39
C TYR A 149 -7.66 10.74 -7.85
N TYR A 150 -8.70 11.03 -7.06
CA TYR A 150 -10.04 10.57 -7.42
C TYR A 150 -11.12 11.61 -7.72
N GLN A 151 -10.78 12.88 -7.74
CA GLN A 151 -11.81 13.88 -8.05
C GLN A 151 -11.30 14.87 -9.09
N ASP A 152 -10.20 15.54 -8.80
CA ASP A 152 -9.63 16.47 -9.76
C ASP A 152 -8.17 16.73 -9.42
N GLY A 153 -7.29 16.36 -10.34
CA GLY A 153 -5.87 16.54 -10.15
C GLY A 153 -5.11 15.71 -11.18
N ALA A 154 -4.93 14.42 -10.89
CA ALA A 154 -4.23 13.51 -11.80
C ALA A 154 -5.04 13.43 -13.09
N SER A 155 -6.34 13.69 -12.98
CA SER A 155 -7.25 13.67 -14.12
C SER A 155 -6.76 14.61 -15.22
N ARG A 156 -6.09 15.70 -14.83
CA ARG A 156 -5.58 16.66 -15.79
C ARG A 156 -4.33 16.24 -16.52
N PHE A 157 -3.68 15.20 -16.02
CA PHE A 157 -2.49 14.66 -16.67
C PHE A 157 -2.90 13.49 -17.57
N PHE A 158 -4.02 12.84 -17.25
CA PHE A 158 -4.51 11.72 -18.06
C PHE A 158 -5.97 11.95 -18.38
N PRO A 159 -6.29 13.05 -19.10
CA PRO A 159 -7.68 13.37 -19.45
C PRO A 159 -8.42 12.30 -20.24
N GLU A 160 -7.71 11.64 -21.15
CA GLU A 160 -8.34 10.60 -21.95
C GLU A 160 -8.63 9.35 -21.12
N LYS A 161 -7.86 9.12 -20.07
CA LYS A 161 -8.08 7.96 -19.20
C LYS A 161 -9.16 8.26 -18.18
N TRP A 162 -9.16 9.49 -17.69
CA TRP A 162 -10.12 9.93 -16.70
C TRP A 162 -11.53 9.91 -17.28
N GLU A 163 -11.66 10.16 -18.58
CA GLU A 163 -12.98 10.14 -19.21
C GLU A 163 -13.62 8.76 -19.14
N ARG A 164 -12.80 7.72 -19.15
CA ARG A 164 -13.34 6.36 -19.06
C ARG A 164 -13.95 6.13 -17.67
N VAL A 165 -13.28 6.65 -16.65
CA VAL A 165 -13.75 6.51 -15.28
C VAL A 165 -15.10 7.19 -15.09
N LEU A 166 -15.29 8.34 -15.74
CA LEU A 166 -16.54 9.09 -15.63
C LEU A 166 -17.62 8.59 -16.60
N SER A 167 -17.24 7.77 -17.58
CA SER A 167 -18.18 7.31 -18.58
C SER A 167 -19.48 6.69 -18.07
N ILE A 168 -19.43 6.05 -16.90
CA ILE A 168 -20.64 5.43 -16.37
C ILE A 168 -21.41 6.28 -15.37
N LEU A 169 -20.89 7.46 -15.07
CA LEU A 169 -21.55 8.31 -14.10
C LEU A 169 -22.42 9.38 -14.74
N SER A 170 -23.50 9.74 -14.06
CA SER A 170 -24.40 10.77 -14.54
C SER A 170 -23.70 12.08 -14.22
N ASP A 171 -24.28 13.19 -14.66
CA ASP A 171 -23.68 14.50 -14.40
C ASP A 171 -23.56 14.80 -12.91
N ASP A 172 -24.54 14.35 -12.14
CA ASP A 172 -24.55 14.59 -10.70
C ASP A 172 -23.52 13.75 -9.97
N GLU A 173 -23.39 12.50 -10.39
CA GLU A 173 -22.44 11.59 -9.78
C GLU A 173 -21.01 12.07 -9.92
N ARG A 174 -20.73 12.73 -11.04
CA ARG A 174 -19.39 13.24 -11.30
C ARG A 174 -18.92 14.28 -10.29
N LYS A 175 -19.85 14.77 -9.50
CA LYS A 175 -19.53 15.77 -8.47
C LYS A 175 -18.71 15.11 -7.37
N ASP A 176 -18.98 13.84 -7.10
CA ASP A 176 -18.26 13.10 -6.07
C ASP A 176 -18.05 11.67 -6.55
N VAL A 177 -16.98 11.48 -7.33
CA VAL A 177 -16.65 10.18 -7.89
C VAL A 177 -16.52 9.05 -6.86
N ILE A 178 -15.84 9.31 -5.75
CA ILE A 178 -15.68 8.28 -4.73
C ILE A 178 -17.05 7.77 -4.26
N ALA A 179 -17.93 8.70 -3.89
CA ALA A 179 -19.26 8.35 -3.45
C ALA A 179 -20.06 7.62 -4.53
N ALA A 180 -19.94 8.08 -5.78
CA ALA A 180 -20.67 7.45 -6.87
C ALA A 180 -20.23 5.99 -7.05
N TYR A 181 -18.93 5.75 -7.03
CA TYR A 181 -18.43 4.39 -7.18
C TYR A 181 -18.80 3.52 -5.98
N ARG A 182 -18.87 4.13 -4.80
CA ARG A 182 -19.24 3.42 -3.58
C ARG A 182 -20.60 2.74 -3.77
N GLN A 183 -21.55 3.46 -4.38
CA GLN A 183 -22.88 2.91 -4.61
C GLN A 183 -22.83 1.67 -5.50
N ARG A 184 -22.13 1.79 -6.62
CA ARG A 184 -22.02 0.68 -7.54
C ARG A 184 -21.23 -0.48 -6.95
N LEU A 185 -20.15 -0.19 -6.24
CA LEU A 185 -19.34 -1.25 -5.65
C LEU A 185 -20.05 -1.98 -4.52
N THR A 186 -21.12 -1.40 -4.00
CA THR A 186 -21.89 -2.01 -2.93
C THR A 186 -23.29 -2.41 -3.41
N SER A 187 -23.43 -2.54 -4.74
CA SER A 187 -24.71 -2.92 -5.34
C SER A 187 -24.99 -4.41 -5.11
N ALA A 188 -26.27 -4.78 -5.08
CA ALA A 188 -26.65 -6.17 -4.90
C ALA A 188 -26.35 -6.93 -6.19
N ASP A 189 -26.27 -6.18 -7.30
CA ASP A 189 -25.98 -6.76 -8.61
C ASP A 189 -24.48 -6.89 -8.82
N PRO A 190 -23.98 -8.14 -8.85
CA PRO A 190 -22.55 -8.40 -9.05
C PRO A 190 -22.00 -7.82 -10.36
N GLN A 191 -22.84 -7.74 -11.39
CA GLN A 191 -22.44 -7.19 -12.68
C GLN A 191 -22.13 -5.71 -12.55
N VAL A 192 -22.98 -5.02 -11.80
CA VAL A 192 -22.82 -3.60 -11.58
C VAL A 192 -21.54 -3.37 -10.78
N GLN A 193 -21.28 -4.22 -9.80
CA GLN A 193 -20.08 -4.10 -9.00
C GLN A 193 -18.83 -4.27 -9.88
N LEU A 194 -18.81 -5.35 -10.65
CA LEU A 194 -17.67 -5.66 -11.51
C LEU A 194 -17.37 -4.62 -12.59
N GLU A 195 -18.41 -4.08 -13.22
CA GLU A 195 -18.19 -3.07 -14.25
C GLU A 195 -17.45 -1.86 -13.66
N ALA A 196 -17.88 -1.44 -12.47
CA ALA A 196 -17.25 -0.30 -11.81
C ALA A 196 -15.90 -0.66 -11.21
N ALA A 197 -15.75 -1.89 -10.73
CA ALA A 197 -14.49 -2.33 -10.13
C ALA A 197 -13.38 -2.27 -11.20
N LYS A 198 -13.68 -2.75 -12.39
CA LYS A 198 -12.71 -2.76 -13.48
C LYS A 198 -12.26 -1.36 -13.91
N LEU A 199 -13.22 -0.44 -14.05
CA LEU A 199 -12.91 0.93 -14.45
C LEU A 199 -12.04 1.62 -13.39
N TRP A 200 -12.38 1.42 -12.13
CA TRP A 200 -11.65 1.99 -11.01
C TRP A 200 -10.21 1.47 -10.93
N SER A 201 -10.05 0.15 -11.06
CA SER A 201 -8.73 -0.48 -10.97
C SER A 201 -7.80 -0.17 -12.13
N VAL A 202 -8.34 -0.12 -13.35
CA VAL A 202 -7.53 0.17 -14.53
C VAL A 202 -7.01 1.62 -14.49
N TRP A 203 -7.81 2.53 -13.94
CA TRP A 203 -7.39 3.92 -13.80
C TRP A 203 -6.06 3.95 -13.03
N GLU A 204 -6.02 3.23 -11.93
CA GLU A 204 -4.81 3.20 -11.15
C GLU A 204 -3.69 2.44 -11.85
N GLY A 205 -4.03 1.29 -12.40
CA GLY A 205 -3.04 0.50 -13.09
C GLY A 205 -2.27 1.24 -14.17
N GLU A 206 -2.95 2.12 -14.90
CA GLU A 206 -2.33 2.87 -15.99
C GLU A 206 -1.69 4.21 -15.60
N THR A 207 -1.71 4.55 -14.32
CA THR A 207 -1.14 5.83 -13.88
C THR A 207 -0.05 5.72 -12.81
N VAL A 208 0.39 4.50 -12.50
CA VAL A 208 1.41 4.31 -11.48
C VAL A 208 2.86 4.20 -11.98
N THR A 209 3.06 4.26 -13.30
CA THR A 209 4.41 4.19 -13.86
C THR A 209 4.66 5.38 -14.78
N LEU A 210 5.91 5.81 -14.89
CA LEU A 210 6.20 6.95 -15.75
C LEU A 210 5.70 6.68 -17.17
N LEU A 211 6.16 5.57 -17.74
CA LEU A 211 5.76 5.18 -19.08
C LEU A 211 4.71 4.09 -19.03
N PRO A 212 3.92 3.96 -20.11
CA PRO A 212 2.87 2.95 -20.18
C PRO A 212 3.50 1.57 -20.01
N SER A 213 2.84 0.72 -19.25
CA SER A 213 3.32 -0.63 -18.99
C SER A 213 2.29 -1.68 -19.38
N ARG A 214 2.78 -2.87 -19.71
CA ARG A 214 1.89 -3.97 -20.08
C ARG A 214 1.33 -4.56 -18.79
N GLU A 215 1.97 -4.24 -17.67
CA GLU A 215 1.55 -4.71 -16.36
C GLU A 215 0.15 -4.21 -16.02
N SER A 216 -0.18 -3.01 -16.48
CA SER A 216 -1.46 -2.40 -16.20
C SER A 216 -2.68 -3.28 -16.50
N ALA A 217 -2.63 -4.06 -17.57
CA ALA A 217 -3.74 -4.92 -17.94
C ALA A 217 -4.20 -5.88 -16.84
N SER A 218 -3.28 -6.31 -16.00
CA SER A 218 -3.63 -7.22 -14.90
C SER A 218 -4.57 -6.60 -13.87
N PHE A 219 -4.64 -5.27 -13.85
CA PHE A 219 -5.51 -4.58 -12.91
C PHE A 219 -6.97 -4.78 -13.28
N GLY A 220 -7.20 -5.20 -14.53
CA GLY A 220 -8.54 -5.42 -15.00
C GLY A 220 -9.08 -6.83 -14.77
N GLU A 221 -8.24 -7.72 -14.22
CA GLU A 221 -8.66 -9.09 -13.96
C GLU A 221 -9.77 -9.12 -12.93
N ASP A 222 -10.88 -9.74 -13.31
CA ASP A 222 -12.09 -9.84 -12.48
C ASP A 222 -11.95 -9.97 -10.97
N ASP A 223 -11.34 -11.06 -10.51
CA ASP A 223 -11.20 -11.27 -9.08
C ASP A 223 -10.35 -10.23 -8.36
N PHE A 224 -9.21 -9.89 -8.96
CA PHE A 224 -8.33 -8.89 -8.37
C PHE A 224 -9.05 -7.54 -8.27
N ALA A 225 -9.57 -7.08 -9.40
CA ALA A 225 -10.25 -5.79 -9.48
C ALA A 225 -11.41 -5.63 -8.52
N LEU A 226 -12.19 -6.69 -8.37
CA LEU A 226 -13.36 -6.67 -7.50
C LEU A 226 -12.98 -6.36 -6.06
N ALA A 227 -11.98 -7.07 -5.54
CA ALA A 227 -11.55 -6.86 -4.17
C ALA A 227 -10.78 -5.55 -4.03
N PHE A 228 -9.93 -5.27 -5.01
CA PHE A 228 -9.12 -4.05 -5.03
C PHE A 228 -10.01 -2.81 -4.91
N ALA A 229 -10.91 -2.64 -5.87
CA ALA A 229 -11.80 -1.50 -5.87
C ALA A 229 -12.70 -1.42 -4.63
N ARG A 230 -13.34 -2.54 -4.28
CA ARG A 230 -14.22 -2.55 -3.12
C ARG A 230 -13.50 -2.12 -1.85
N ILE A 231 -12.34 -2.71 -1.61
CA ILE A 231 -11.55 -2.40 -0.42
C ILE A 231 -11.00 -0.97 -0.44
N GLU A 232 -10.40 -0.55 -1.55
CA GLU A 232 -9.89 0.82 -1.64
C GLU A 232 -10.99 1.84 -1.39
N ASN A 233 -12.07 1.72 -2.16
CA ASN A 233 -13.19 2.64 -2.06
C ASN A 233 -13.79 2.66 -0.66
N HIS A 234 -13.78 1.51 0.00
CA HIS A 234 -14.30 1.39 1.35
C HIS A 234 -13.45 2.23 2.30
N TYR A 235 -12.14 2.09 2.19
CA TYR A 235 -11.23 2.83 3.05
C TYR A 235 -11.29 4.33 2.80
N PHE A 236 -11.41 4.73 1.54
CA PHE A 236 -11.45 6.14 1.21
C PHE A 236 -12.79 6.74 1.60
N THR A 237 -13.84 5.95 1.55
CA THR A 237 -15.16 6.43 1.94
C THR A 237 -15.15 6.78 3.44
N HIS A 238 -14.36 6.05 4.22
CA HIS A 238 -14.27 6.28 5.66
C HIS A 238 -13.04 7.08 6.08
N LEU A 239 -12.41 7.74 5.12
CA LEU A 239 -11.22 8.55 5.39
C LEU A 239 -10.12 7.78 6.13
N GLY A 240 -9.91 6.54 5.72
CA GLY A 240 -8.88 5.73 6.36
C GLY A 240 -9.14 5.43 7.82
N PHE A 241 -10.35 5.72 8.29
CA PHE A 241 -10.70 5.47 9.68
C PHE A 241 -9.78 6.24 10.63
N LEU A 242 -9.36 7.43 10.19
CA LEU A 242 -8.50 8.29 11.01
C LEU A 242 -9.43 9.24 11.76
N GLU A 243 -9.01 9.72 12.93
CA GLU A 243 -9.86 10.62 13.69
C GLU A 243 -9.79 12.08 13.22
N SER A 244 -8.75 12.41 12.47
CA SER A 244 -8.61 13.75 11.92
C SER A 244 -7.79 13.67 10.62
N ASP A 245 -8.03 14.64 9.74
CA ASP A 245 -7.37 14.70 8.44
C ASP A 245 -5.87 14.43 8.45
N ASP A 246 -5.14 15.10 9.34
CA ASP A 246 -3.69 14.93 9.38
C ASP A 246 -3.18 14.11 10.57
N GLN A 247 -3.94 13.10 10.97
CA GLN A 247 -3.53 12.27 12.11
C GLN A 247 -2.12 11.71 11.96
N LEU A 248 -1.85 11.09 10.81
CA LEU A 248 -0.54 10.49 10.58
C LEU A 248 0.62 11.47 10.59
N LEU A 249 0.35 12.74 10.28
CA LEU A 249 1.42 13.73 10.28
C LEU A 249 1.65 14.33 11.67
N ARG A 250 0.58 14.56 12.42
CA ARG A 250 0.76 15.15 13.74
C ARG A 250 1.25 14.17 14.79
N ASN A 251 1.21 12.88 14.50
CA ASN A 251 1.68 11.89 15.45
C ASN A 251 3.10 11.40 15.12
N VAL A 252 3.75 12.10 14.20
CA VAL A 252 5.11 11.76 13.80
C VAL A 252 6.09 11.84 14.98
N PRO A 253 5.86 12.79 15.92
CA PRO A 253 6.76 12.89 17.07
C PRO A 253 6.98 11.55 17.76
N LEU A 254 5.95 10.71 17.74
CA LEU A 254 5.99 9.39 18.36
C LEU A 254 6.97 8.43 17.73
N ILE A 255 7.42 8.72 16.51
CA ILE A 255 8.34 7.82 15.82
C ILE A 255 9.59 8.46 15.26
N ARG A 256 9.82 9.73 15.59
CA ARG A 256 10.99 10.41 15.07
C ARG A 256 12.31 9.77 15.45
N HIS A 257 12.33 9.04 16.55
CA HIS A 257 13.56 8.37 17.01
C HIS A 257 13.84 7.10 16.21
N ILE A 258 12.91 6.71 15.34
CA ILE A 258 13.10 5.50 14.55
C ILE A 258 13.79 5.79 13.22
N PRO A 259 14.87 5.04 12.91
CA PRO A 259 15.62 5.23 11.67
C PRO A 259 14.71 4.99 10.46
N ALA A 260 14.65 5.96 9.56
CA ALA A 260 13.79 5.81 8.39
C ALA A 260 14.35 6.36 7.10
N VAL A 261 13.92 5.75 6.00
CA VAL A 261 14.32 6.17 4.66
C VAL A 261 13.03 6.37 3.85
N ILE A 262 12.93 7.52 3.20
CA ILE A 262 11.76 7.86 2.40
C ILE A 262 12.14 7.98 0.93
N VAL A 263 11.51 7.18 0.09
CA VAL A 263 11.80 7.20 -1.34
C VAL A 263 10.51 7.57 -2.06
N HIS A 264 10.56 8.63 -2.87
CA HIS A 264 9.37 9.07 -3.58
C HIS A 264 9.70 9.56 -4.99
N GLY A 265 8.94 9.09 -5.96
CA GLY A 265 9.16 9.49 -7.34
C GLY A 265 8.70 10.91 -7.59
N ARG A 266 9.48 11.67 -8.34
CA ARG A 266 9.16 13.06 -8.67
C ARG A 266 7.82 13.17 -9.38
N TYR A 267 7.58 12.28 -10.34
CA TYR A 267 6.35 12.29 -11.13
C TYR A 267 5.32 11.24 -10.70
N ASP A 268 5.32 10.93 -9.41
CA ASP A 268 4.37 9.98 -8.85
C ASP A 268 3.01 10.68 -9.03
N MET A 269 2.12 10.06 -9.81
CA MET A 269 0.80 10.62 -10.08
C MET A 269 -0.30 10.14 -9.12
N ALA A 270 -0.02 9.10 -8.35
CA ALA A 270 -1.01 8.57 -7.41
C ALA A 270 -0.90 9.28 -6.06
N CYS A 271 0.34 9.58 -5.66
CA CYS A 271 0.63 10.26 -4.40
C CYS A 271 1.68 11.33 -4.69
N GLN A 272 1.28 12.59 -4.57
CA GLN A 272 2.20 13.69 -4.85
C GLN A 272 3.39 13.74 -3.93
N VAL A 273 4.53 14.09 -4.52
CA VAL A 273 5.78 14.17 -3.77
C VAL A 273 5.64 15.14 -2.58
N GLN A 274 4.65 16.02 -2.65
CA GLN A 274 4.38 16.97 -1.55
C GLN A 274 4.17 16.21 -0.25
N ASN A 275 3.54 15.04 -0.33
CA ASN A 275 3.28 14.21 0.85
C ASN A 275 4.60 13.80 1.51
N ALA A 276 5.56 13.42 0.69
CA ALA A 276 6.88 13.01 1.19
C ALA A 276 7.63 14.22 1.76
N TRP A 277 7.45 15.37 1.13
CA TRP A 277 8.10 16.59 1.57
C TRP A 277 7.52 17.01 2.93
N ASP A 278 6.21 16.92 3.06
CA ASP A 278 5.54 17.27 4.29
C ASP A 278 6.00 16.37 5.42
N LEU A 279 6.12 15.07 5.15
CA LEU A 279 6.57 14.12 6.15
C LEU A 279 8.00 14.40 6.58
N ALA A 280 8.88 14.64 5.61
CA ALA A 280 10.29 14.92 5.88
C ALA A 280 10.43 16.21 6.71
N LYS A 281 9.56 17.18 6.47
CA LYS A 281 9.59 18.43 7.21
C LYS A 281 9.27 18.18 8.68
N ALA A 282 8.36 17.24 8.97
CA ALA A 282 8.00 16.93 10.34
C ALA A 282 8.94 15.88 10.93
N TRP A 283 9.73 15.25 10.08
CA TRP A 283 10.65 14.20 10.50
C TRP A 283 12.06 14.46 9.94
N PRO A 284 12.78 15.43 10.52
CA PRO A 284 14.14 15.80 10.11
C PRO A 284 15.13 14.66 10.11
N GLU A 285 14.98 13.74 11.07
CA GLU A 285 15.88 12.59 11.19
C GLU A 285 15.83 11.68 9.98
N ALA A 286 14.67 11.57 9.35
CA ALA A 286 14.52 10.70 8.20
C ALA A 286 15.33 11.15 7.00
N GLU A 287 15.74 10.19 6.18
CA GLU A 287 16.50 10.46 4.97
C GLU A 287 15.54 10.45 3.80
N LEU A 288 15.49 11.57 3.08
CA LEU A 288 14.60 11.75 1.95
C LEU A 288 15.28 11.59 0.60
N HIS A 289 14.67 10.78 -0.26
CA HIS A 289 15.20 10.57 -1.60
C HIS A 289 14.10 10.82 -2.61
N ILE A 290 14.16 11.96 -3.28
CA ILE A 290 13.17 12.27 -4.31
C ILE A 290 13.83 11.78 -5.60
N VAL A 291 13.24 10.76 -6.22
CA VAL A 291 13.80 10.19 -7.44
C VAL A 291 13.31 10.87 -8.70
N GLU A 292 14.22 11.57 -9.38
CA GLU A 292 13.88 12.28 -10.61
C GLU A 292 13.52 11.28 -11.71
N GLY A 293 12.61 11.67 -12.60
CA GLY A 293 12.22 10.80 -13.69
C GLY A 293 11.51 9.51 -13.34
N ALA A 294 10.95 9.43 -12.13
CA ALA A 294 10.26 8.23 -11.73
C ALA A 294 8.81 8.47 -11.34
N GLY A 295 7.99 7.45 -11.57
CA GLY A 295 6.59 7.49 -11.25
C GLY A 295 6.33 6.99 -9.83
N HIS A 296 5.21 6.30 -9.65
CA HIS A 296 4.79 5.79 -8.35
C HIS A 296 5.29 4.40 -7.95
N SER A 297 5.17 3.44 -8.86
CA SER A 297 5.52 2.04 -8.60
C SER A 297 6.89 1.74 -7.98
N TYR A 298 6.93 0.74 -7.11
CA TYR A 298 8.16 0.36 -6.44
C TYR A 298 9.24 -0.12 -7.41
N ASP A 299 8.83 -0.71 -8.54
CA ASP A 299 9.83 -1.19 -9.48
C ASP A 299 10.27 -0.18 -10.53
N GLU A 300 10.00 1.10 -10.31
CA GLU A 300 10.49 2.12 -11.24
C GLU A 300 11.99 1.99 -11.00
N PRO A 301 12.79 1.80 -12.05
CA PRO A 301 14.25 1.65 -11.93
C PRO A 301 14.93 2.46 -10.83
N GLY A 302 14.75 3.79 -10.90
CA GLY A 302 15.37 4.66 -9.91
C GLY A 302 14.83 4.51 -8.49
N ILE A 303 13.57 4.11 -8.36
CA ILE A 303 12.99 3.93 -7.04
C ILE A 303 13.46 2.60 -6.45
N LEU A 304 13.44 1.55 -7.27
CA LEU A 304 13.86 0.22 -6.85
C LEU A 304 15.32 0.28 -6.38
N HIS A 305 16.14 0.99 -7.13
CA HIS A 305 17.54 1.17 -6.81
C HIS A 305 17.73 1.68 -5.38
N GLN A 306 16.99 2.73 -5.02
CA GLN A 306 17.08 3.30 -3.68
C GLN A 306 16.52 2.36 -2.61
N LEU A 307 15.54 1.56 -2.97
CA LEU A 307 14.94 0.64 -2.01
C LEU A 307 15.94 -0.47 -1.66
N MET A 308 16.59 -1.02 -2.68
CA MET A 308 17.57 -2.08 -2.48
C MET A 308 18.68 -1.59 -1.57
N ILE A 309 19.22 -0.42 -1.88
CA ILE A 309 20.29 0.16 -1.10
C ILE A 309 19.85 0.39 0.35
N ALA A 310 18.59 0.73 0.55
CA ALA A 310 18.09 0.97 1.90
C ALA A 310 18.00 -0.30 2.74
N THR A 311 17.45 -1.37 2.18
CA THR A 311 17.34 -2.60 2.94
C THR A 311 18.73 -3.21 3.16
N ASP A 312 19.58 -3.15 2.14
CA ASP A 312 20.94 -3.68 2.27
C ASP A 312 21.68 -3.00 3.42
N ARG A 313 21.61 -1.67 3.47
CA ARG A 313 22.30 -0.92 4.51
C ARG A 313 21.77 -1.22 5.91
N PHE A 314 20.46 -1.38 6.04
CA PHE A 314 19.86 -1.67 7.34
C PHE A 314 20.19 -3.08 7.82
N ALA A 315 20.71 -3.91 6.92
CA ALA A 315 21.08 -5.28 7.24
C ALA A 315 22.59 -5.39 7.40
N GLY A 316 23.26 -4.25 7.52
CA GLY A 316 24.70 -4.24 7.67
C GLY A 316 25.44 -4.48 6.38
N PTB B . -4.12 3.33 -4.09
CA PTB B . -2.66 3.70 -4.15
C PTB B . -1.79 2.65 -3.46
O PTB B . -1.80 2.48 -2.27
CB PTB B . -2.52 5.11 -3.55
CG PTB B . -3.89 5.74 -3.67
CD PTB B . -4.88 4.59 -3.77
C2 PTB B . -0.93 1.91 -4.36
N3 PTB B . -0.85 1.91 -5.70
N4 PTB B . 0.10 1.08 -6.08
C5 PTB B . 0.68 0.51 -4.99
O1 PTB B . 0.05 1.03 -3.84
C6 PTB B . 1.80 -0.48 -4.87
C7 PTB B . 2.98 -0.01 -5.71
C8 PTB B . 1.32 -1.84 -5.36
C9 PTB B . 2.22 -0.59 -3.39
#